data_4FYO
#
_entry.id   4FYO
#
_cell.length_a   39.953
_cell.length_b   85.563
_cell.length_c   90.031
_cell.angle_alpha   90.00
_cell.angle_beta   90.00
_cell.angle_gamma   90.00
#
_symmetry.space_group_name_H-M   'P 21 21 21'
#
loop_
_entity.id
_entity.type
_entity.pdbx_description
1 polymer 'Tyrosine-protein kinase SYK'
2 non-polymer '4-{[(3S)-1-{7-[(3,4-dimethoxyphenyl)amino][1,3]thiazolo[5,4-d]pyrimidin-5-yl}pyrrolidin-3-yl]carbamoyl}benzoic acid'
3 water water
#
_entity_poly.entity_id   1
_entity_poly.type   'polypeptide(L)'
_entity_poly.pdbx_seq_one_letter_code
;MALEEIRPKEVYLDRKLLTLEDKELGSGNFGTVKKGYYQMKKVVKTVAVKILKNEANDPALKDELLAEANVMQQLDNPYI
VRMIGICEAESWMLVMEMAELGPLNKYLQQNRHVKDKNIIELVHQVSMGMKYLEESNFVHRDLAARNVLLVTQHYAKISD
FGLSKALRADENYYKAQTHGKWPVKWYAPECINYYKFSSKSDVWSFGVLMWEAFSYGQKPYRGMKGSEVTAMLEKGERMG
CPAGCPREMYDLMNLCWTYDVENRPGFAAVELRLRNYYYDVVNEGHHHHHH
;
_entity_poly.pdbx_strand_id   A
#
loop_
_chem_comp.id
_chem_comp.type
_chem_comp.name
_chem_comp.formula
0VF non-polymer '4-{[(3S)-1-{7-[(3,4-dimethoxyphenyl)amino][1,3]thiazolo[5,4-d]pyrimidin-5-yl}pyrrolidin-3-yl]carbamoyl}benzoic acid' 'C25 H24 N6 O5 S'
#
# COMPACT_ATOMS: atom_id res chain seq x y z
N VAL A 11 6.23 22.79 7.38
CA VAL A 11 5.42 21.98 6.42
C VAL A 11 5.30 22.67 5.04
N TYR A 12 5.35 24.01 5.04
CA TYR A 12 5.26 24.77 3.80
C TYR A 12 6.64 25.02 3.19
N LEU A 13 6.84 24.48 1.99
CA LEU A 13 8.15 24.48 1.34
C LEU A 13 8.32 25.65 0.36
N ASP A 14 9.59 25.97 0.10
CA ASP A 14 9.98 27.07 -0.77
C ASP A 14 10.19 26.59 -2.20
N ARG A 15 9.39 27.09 -3.12
CA ARG A 15 9.44 26.68 -4.53
C ARG A 15 10.81 26.85 -5.19
N LYS A 16 11.55 27.90 -4.80
CA LYS A 16 12.87 28.13 -5.38
C LYS A 16 13.94 27.16 -4.87
N LEU A 17 13.62 26.41 -3.81
CA LEU A 17 14.50 25.35 -3.30
C LEU A 17 14.14 23.99 -3.92
N LEU A 18 13.10 23.97 -4.74
CA LEU A 18 12.66 22.77 -5.43
C LEU A 18 12.98 22.82 -6.92
N THR A 19 13.63 21.78 -7.42
CA THR A 19 13.92 21.64 -8.84
C THR A 19 13.23 20.38 -9.37
N LEU A 20 12.36 20.56 -10.36
CA LEU A 20 11.59 19.45 -10.93
C LEU A 20 12.14 18.99 -12.28
N GLU A 21 12.05 17.68 -12.53
CA GLU A 21 12.39 17.11 -13.82
C GLU A 21 11.29 17.37 -14.84
N ASP A 22 11.66 17.34 -16.12
CA ASP A 22 10.72 17.55 -17.22
C ASP A 22 9.80 16.34 -17.40
N LYS A 23 10.38 15.15 -17.32
CA LYS A 23 9.65 13.89 -17.49
C LYS A 23 8.78 13.56 -16.27
N GLU A 24 7.74 12.76 -16.50
CA GLU A 24 6.85 12.31 -15.44
C GLU A 24 7.16 10.86 -15.06
N LEU A 25 7.07 10.56 -13.77
CA LEU A 25 7.26 9.19 -13.29
C LEU A 25 6.02 8.35 -13.56
N GLY A 26 4.86 8.87 -13.19
CA GLY A 26 3.59 8.18 -13.34
C GLY A 26 2.46 8.85 -12.59
N SER A 27 1.25 8.34 -12.78
CA SER A 27 0.05 8.91 -12.15
C SER A 27 -0.74 7.87 -11.38
N GLY A 28 -1.19 8.23 -10.19
CA GLY A 28 -2.09 7.39 -9.40
C GLY A 28 -3.54 7.73 -9.69
N ASN A 29 -4.39 7.61 -8.67
CA ASN A 29 -5.82 7.92 -8.79
C ASN A 29 -6.08 9.36 -9.24
N PHE A 30 -5.37 10.30 -8.62
CA PHE A 30 -5.39 11.70 -9.06
C PHE A 30 -3.99 12.30 -9.01
N GLY A 31 -3.78 13.36 -9.77
CA GLY A 31 -2.47 14.03 -9.83
C GLY A 31 -1.43 13.27 -10.62
N THR A 32 -0.24 13.88 -10.74
CA THR A 32 0.87 13.30 -11.49
C THR A 32 2.16 13.47 -10.68
N VAL A 33 3.00 12.44 -10.67
CA VAL A 33 4.22 12.45 -9.87
C VAL A 33 5.47 12.64 -10.74
N LYS A 34 6.32 13.59 -10.34
CA LYS A 34 7.59 13.87 -11.00
C LYS A 34 8.75 13.75 -10.01
N LYS A 35 9.93 13.41 -10.53
CA LYS A 35 11.15 13.40 -9.74
C LYS A 35 11.64 14.84 -9.53
N GLY A 36 12.16 15.10 -8.34
CA GLY A 36 12.68 16.41 -8.00
C GLY A 36 13.82 16.40 -7.01
N TYR A 37 14.32 17.59 -6.70
CA TYR A 37 15.43 17.77 -5.78
C TYR A 37 15.11 18.94 -4.87
N TYR A 38 15.16 18.71 -3.56
CA TYR A 38 14.89 19.77 -2.59
C TYR A 38 16.08 20.08 -1.69
N GLN A 39 16.45 21.35 -1.63
CA GLN A 39 17.55 21.81 -0.78
C GLN A 39 17.09 21.85 0.68
N MET A 40 17.61 20.91 1.48
CA MET A 40 17.31 20.84 2.91
C MET A 40 18.23 21.79 3.69
N LYS A 41 18.32 21.57 5.00
CA LYS A 41 19.17 22.39 5.89
C LYS A 41 20.64 22.42 5.46
N LYS A 42 21.11 21.31 4.91
CA LYS A 42 22.50 21.21 4.43
C LYS A 42 22.60 20.30 3.20
N VAL A 43 22.05 19.10 3.31
CA VAL A 43 22.05 18.15 2.20
C VAL A 43 20.95 18.49 1.20
N VAL A 44 21.08 17.99 -0.03
CA VAL A 44 20.00 18.05 -1.01
C VAL A 44 19.30 16.69 -1.01
N LYS A 45 17.97 16.71 -1.04
CA LYS A 45 17.19 15.48 -0.96
C LYS A 45 16.45 15.22 -2.27
N THR A 46 16.60 14.00 -2.78
CA THR A 46 15.86 13.54 -3.94
C THR A 46 14.42 13.26 -3.51
N VAL A 47 13.47 13.78 -4.28
CA VAL A 47 12.07 13.71 -3.90
C VAL A 47 11.17 13.25 -5.05
N ALA A 48 10.00 12.72 -4.68
CA ALA A 48 8.92 12.46 -5.62
C ALA A 48 7.84 13.48 -5.31
N VAL A 49 7.38 14.18 -6.35
CA VAL A 49 6.45 15.30 -6.17
C VAL A 49 5.14 15.06 -6.90
N LYS A 50 4.05 15.06 -6.14
CA LYS A 50 2.72 14.97 -6.70
C LYS A 50 2.24 16.36 -7.10
N ILE A 51 1.92 16.53 -8.38
CA ILE A 51 1.50 17.81 -8.95
C ILE A 51 0.09 17.67 -9.51
N LEU A 52 -0.69 18.74 -9.43
CA LEU A 52 -2.06 18.72 -9.96
C LEU A 52 -2.14 19.34 -11.35
N PRO A 59 -11.71 22.77 -7.68
CA PRO A 59 -11.64 22.99 -6.24
C PRO A 59 -11.57 21.69 -5.44
N ALA A 60 -12.15 20.62 -5.99
CA ALA A 60 -12.19 19.31 -5.32
C ALA A 60 -10.83 18.63 -5.29
N LEU A 61 -10.07 18.79 -6.39
CA LEU A 61 -8.75 18.16 -6.54
C LEU A 61 -7.74 18.76 -5.56
N LYS A 62 -7.87 20.05 -5.29
CA LYS A 62 -7.02 20.76 -4.33
C LYS A 62 -7.23 20.22 -2.91
N ASP A 63 -8.48 20.06 -2.51
CA ASP A 63 -8.83 19.54 -1.18
C ASP A 63 -8.39 18.09 -0.99
N GLU A 64 -8.46 17.31 -2.06
CA GLU A 64 -8.04 15.90 -2.03
C GLU A 64 -6.54 15.75 -1.78
N LEU A 65 -5.74 16.60 -2.44
CA LEU A 65 -4.30 16.60 -2.23
C LEU A 65 -3.94 17.05 -0.81
N LEU A 66 -4.65 18.06 -0.31
CA LEU A 66 -4.42 18.57 1.05
C LEU A 66 -4.83 17.57 2.12
N ALA A 67 -5.89 16.80 1.85
CA ALA A 67 -6.32 15.73 2.75
C ALA A 67 -5.29 14.61 2.79
N GLU A 68 -4.73 14.28 1.62
CA GLU A 68 -3.65 13.29 1.52
C GLU A 68 -2.43 13.75 2.31
N ALA A 69 -2.07 15.01 2.15
CA ALA A 69 -0.96 15.61 2.89
C ALA A 69 -1.22 15.60 4.40
N ASN A 70 -2.46 15.92 4.79
CA ASN A 70 -2.85 15.92 6.20
C ASN A 70 -2.68 14.56 6.87
N VAL A 71 -3.00 13.49 6.14
CA VAL A 71 -2.81 12.12 6.64
C VAL A 71 -1.33 11.81 6.82
N MET A 72 -0.54 12.08 5.78
CA MET A 72 0.90 11.77 5.79
C MET A 72 1.68 12.51 6.87
N GLN A 73 1.23 13.73 7.18
CA GLN A 73 1.84 14.55 8.23
C GLN A 73 1.78 13.88 9.60
N GLN A 74 0.74 13.07 9.81
CA GLN A 74 0.47 12.45 11.11
C GLN A 74 1.13 11.08 11.27
N LEU A 75 1.70 10.57 10.18
CA LEU A 75 2.29 9.24 10.19
C LEU A 75 3.80 9.26 10.31
N ASP A 76 4.33 8.35 11.13
CA ASP A 76 5.75 8.28 11.42
C ASP A 76 6.16 6.82 11.62
N ASN A 77 6.58 6.19 10.52
CA ASN A 77 6.95 4.77 10.49
C ASN A 77 7.97 4.49 9.38
N PRO A 78 8.95 3.60 9.64
CA PRO A 78 9.96 3.27 8.61
C PRO A 78 9.37 2.65 7.34
N TYR A 79 8.18 2.05 7.45
CA TYR A 79 7.58 1.34 6.32
C TYR A 79 6.43 2.10 5.66
N ILE A 80 6.43 3.42 5.88
CA ILE A 80 5.47 4.31 5.27
C ILE A 80 6.24 5.49 4.64
N VAL A 81 5.85 5.85 3.41
CA VAL A 81 6.45 6.99 2.71
C VAL A 81 6.28 8.27 3.52
N ARG A 82 7.38 8.99 3.72
CA ARG A 82 7.37 10.23 4.48
C ARG A 82 7.14 11.43 3.58
N MET A 83 6.29 12.35 4.05
CA MET A 83 6.07 13.63 3.39
C MET A 83 7.12 14.63 3.87
N ILE A 84 7.73 15.34 2.92
CA ILE A 84 8.65 16.43 3.22
C ILE A 84 7.84 17.70 3.50
N GLY A 85 6.85 17.96 2.65
CA GLY A 85 5.97 19.10 2.84
C GLY A 85 5.14 19.40 1.62
N ILE A 86 4.50 20.56 1.63
CA ILE A 86 3.63 21.01 0.53
C ILE A 86 4.06 22.39 0.03
N CYS A 87 3.63 22.72 -1.18
CA CYS A 87 3.96 24.02 -1.78
C CYS A 87 2.89 24.42 -2.79
N GLU A 88 2.42 25.66 -2.70
CA GLU A 88 1.47 26.21 -3.67
C GLU A 88 2.20 27.10 -4.66
N ALA A 89 2.44 26.56 -5.86
CA ALA A 89 3.13 27.30 -6.91
C ALA A 89 2.32 27.25 -8.21
N GLU A 90 2.92 26.73 -9.28
CA GLU A 90 2.22 26.54 -10.57
C GLU A 90 0.90 25.81 -10.33
N SER A 91 0.98 24.79 -9.46
CA SER A 91 -0.18 24.16 -8.87
C SER A 91 0.21 23.77 -7.44
N TRP A 92 -0.73 23.20 -6.70
CA TRP A 92 -0.41 22.60 -5.41
C TRP A 92 0.48 21.38 -5.60
N MET A 93 1.49 21.24 -4.73
CA MET A 93 2.45 20.15 -4.83
C MET A 93 2.62 19.44 -3.50
N LEU A 94 2.68 18.12 -3.55
CA LEU A 94 2.97 17.29 -2.39
C LEU A 94 4.34 16.66 -2.57
N VAL A 95 5.29 17.06 -1.73
CA VAL A 95 6.68 16.64 -1.84
C VAL A 95 6.96 15.50 -0.85
N MET A 96 7.39 14.36 -1.37
CA MET A 96 7.62 13.16 -0.58
C MET A 96 9.04 12.67 -0.78
N GLU A 97 9.55 11.91 0.19
CA GLU A 97 10.84 11.22 0.02
C GLU A 97 10.75 10.24 -1.14
N MET A 98 11.81 10.16 -1.94
CA MET A 98 11.82 9.29 -3.12
C MET A 98 12.05 7.83 -2.77
N ALA A 99 11.22 6.96 -3.33
CA ALA A 99 11.47 5.52 -3.32
C ALA A 99 11.89 5.15 -4.73
N GLU A 100 13.20 4.95 -4.92
CA GLU A 100 13.82 4.89 -6.25
C GLU A 100 13.37 3.75 -7.17
N LEU A 101 13.02 2.61 -6.60
CA LEU A 101 12.70 1.43 -7.40
C LEU A 101 11.24 1.37 -7.85
N GLY A 102 10.38 2.18 -7.23
CA GLY A 102 8.99 2.33 -7.66
C GLY A 102 8.02 1.25 -7.22
N PRO A 103 6.82 1.22 -7.83
CA PRO A 103 5.76 0.28 -7.44
C PRO A 103 6.19 -1.18 -7.46
N LEU A 104 5.77 -1.90 -6.42
CA LEU A 104 6.14 -3.30 -6.22
C LEU A 104 5.68 -4.22 -7.35
N ASN A 105 4.45 -4.01 -7.84
CA ASN A 105 3.92 -4.85 -8.92
C ASN A 105 4.75 -4.72 -10.20
N LYS A 106 5.07 -3.47 -10.57
CA LYS A 106 5.88 -3.20 -11.76
C LYS A 106 7.30 -3.74 -11.63
N TYR A 107 7.88 -3.61 -10.43
CA TYR A 107 9.21 -4.13 -10.17
C TYR A 107 9.28 -5.64 -10.34
N LEU A 108 8.31 -6.35 -9.77
CA LEU A 108 8.28 -7.81 -9.85
C LEU A 108 7.99 -8.33 -11.27
N GLN A 109 7.19 -7.58 -12.03
CA GLN A 109 6.94 -7.88 -13.44
C GLN A 109 8.23 -7.83 -14.26
N GLN A 110 9.16 -6.98 -13.86
CA GLN A 110 10.41 -6.79 -14.57
C GLN A 110 11.55 -7.62 -13.98
N ASN A 111 11.32 -8.19 -12.79
CA ASN A 111 12.32 -8.96 -12.08
C ASN A 111 11.75 -10.27 -11.55
N ARG A 112 11.58 -11.24 -12.45
CA ARG A 112 11.00 -12.55 -12.12
C ARG A 112 11.96 -13.45 -11.33
N HIS A 113 13.23 -13.06 -11.29
CA HIS A 113 14.26 -13.82 -10.59
C HIS A 113 14.19 -13.65 -9.07
N VAL A 114 13.45 -12.64 -8.61
CA VAL A 114 13.36 -12.32 -7.18
C VAL A 114 12.90 -13.54 -6.39
N LYS A 115 13.70 -13.89 -5.38
CA LYS A 115 13.51 -15.13 -4.60
C LYS A 115 12.31 -15.04 -3.68
N ASP A 116 11.71 -16.20 -3.41
CA ASP A 116 10.57 -16.29 -2.51
C ASP A 116 10.84 -15.67 -1.13
N LYS A 117 12.03 -15.92 -0.58
CA LYS A 117 12.44 -15.33 0.70
C LYS A 117 12.37 -13.80 0.66
N ASN A 118 12.85 -13.24 -0.45
CA ASN A 118 12.82 -11.79 -0.70
C ASN A 118 11.39 -11.24 -0.74
N ILE A 119 10.47 -11.98 -1.34
CA ILE A 119 9.07 -11.58 -1.39
C ILE A 119 8.46 -11.58 0.02
N ILE A 120 8.76 -12.61 0.80
CA ILE A 120 8.29 -12.70 2.19
C ILE A 120 8.80 -11.52 3.01
N GLU A 121 10.08 -11.20 2.85
CA GLU A 121 10.71 -10.05 3.50
C GLU A 121 9.92 -8.77 3.23
N LEU A 122 9.58 -8.54 1.96
CA LEU A 122 8.90 -7.32 1.54
C LEU A 122 7.46 -7.23 2.03
N VAL A 123 6.71 -8.33 1.91
CA VAL A 123 5.32 -8.32 2.38
C VAL A 123 5.25 -8.25 3.91
N HIS A 124 6.25 -8.80 4.60
CA HIS A 124 6.32 -8.65 6.05
C HIS A 124 6.54 -7.19 6.44
N GLN A 125 7.40 -6.49 5.68
CA GLN A 125 7.62 -5.07 5.90
C GLN A 125 6.31 -4.28 5.75
N VAL A 126 5.55 -4.58 4.71
CA VAL A 126 4.23 -3.99 4.53
C VAL A 126 3.33 -4.26 5.73
N SER A 127 3.35 -5.50 6.24
CA SER A 127 2.54 -5.85 7.42
C SER A 127 2.94 -5.08 8.68
N MET A 128 4.23 -4.76 8.81
CA MET A 128 4.70 -3.93 9.93
C MET A 128 4.17 -2.50 9.82
N GLY A 129 4.23 -1.94 8.61
CA GLY A 129 3.68 -0.61 8.35
C GLY A 129 2.18 -0.54 8.62
N MET A 130 1.47 -1.59 8.22
CA MET A 130 0.02 -1.67 8.42
C MET A 130 -0.36 -1.91 9.89
N LYS A 131 0.47 -2.67 10.61
CA LYS A 131 0.29 -2.84 12.05
C LYS A 131 0.33 -1.48 12.74
N TYR A 132 1.27 -0.64 12.32
CA TYR A 132 1.38 0.73 12.81
C TYR A 132 0.16 1.57 12.44
N LEU A 133 -0.27 1.48 11.17
CA LEU A 133 -1.41 2.25 10.71
C LEU A 133 -2.67 1.89 11.50
N GLU A 134 -2.84 0.61 11.76
CA GLU A 134 -3.94 0.08 12.56
C GLU A 134 -3.91 0.62 14.00
N GLU A 135 -2.72 0.60 14.60
CA GLU A 135 -2.49 1.16 15.95
C GLU A 135 -2.83 2.65 15.98
N SER A 136 -2.54 3.32 14.87
CA SER A 136 -2.77 4.76 14.74
C SER A 136 -4.21 5.10 14.38
N ASN A 137 -5.02 4.06 14.16
CA ASN A 137 -6.44 4.17 13.79
C ASN A 137 -6.68 4.97 12.51
N PHE A 138 -5.84 4.69 11.51
CA PHE A 138 -6.05 5.16 10.15
C PHE A 138 -6.37 3.96 9.28
N VAL A 139 -7.32 4.13 8.37
CA VAL A 139 -7.59 3.12 7.35
C VAL A 139 -7.00 3.61 6.02
N HIS A 140 -6.29 2.72 5.33
CA HIS A 140 -5.64 3.08 4.07
C HIS A 140 -6.64 3.21 2.93
N ARG A 141 -7.47 2.18 2.76
CA ARG A 141 -8.57 2.14 1.77
C ARG A 141 -8.14 1.96 0.31
N ASP A 142 -6.85 1.79 0.06
CA ASP A 142 -6.37 1.54 -1.29
C ASP A 142 -5.09 0.70 -1.28
N LEU A 143 -5.06 -0.28 -0.39
CA LEU A 143 -3.87 -1.13 -0.22
C LEU A 143 -3.82 -2.15 -1.34
N ALA A 144 -2.78 -2.04 -2.16
CA ALA A 144 -2.58 -2.87 -3.34
C ALA A 144 -1.10 -2.85 -3.66
N ALA A 145 -0.62 -3.83 -4.43
CA ALA A 145 0.81 -3.90 -4.76
C ALA A 145 1.33 -2.64 -5.47
N ARG A 146 0.48 -1.99 -6.27
CA ARG A 146 0.83 -0.74 -6.96
C ARG A 146 1.17 0.38 -5.98
N ASN A 147 0.66 0.26 -4.76
CA ASN A 147 0.82 1.30 -3.74
C ASN A 147 1.87 0.96 -2.68
N VAL A 148 2.66 -0.07 -2.96
CA VAL A 148 3.86 -0.37 -2.20
C VAL A 148 5.04 0.07 -3.06
N LEU A 149 5.89 0.91 -2.50
CA LEU A 149 7.03 1.43 -3.24
C LEU A 149 8.33 0.90 -2.66
N LEU A 150 9.27 0.58 -3.54
CA LEU A 150 10.54 0.01 -3.11
C LEU A 150 11.65 1.05 -3.02
N VAL A 151 12.22 1.15 -1.82
CA VAL A 151 13.40 1.97 -1.58
C VAL A 151 14.62 1.23 -2.12
N THR A 152 14.70 -0.06 -1.77
CA THR A 152 15.66 -1.00 -2.35
C THR A 152 14.92 -2.30 -2.61
N GLN A 153 15.64 -3.28 -3.15
CA GLN A 153 15.10 -4.63 -3.35
C GLN A 153 14.69 -5.29 -2.03
N HIS A 154 15.17 -4.74 -0.91
CA HIS A 154 14.92 -5.31 0.43
C HIS A 154 14.27 -4.33 1.39
N TYR A 155 13.59 -3.31 0.86
CA TYR A 155 12.98 -2.27 1.68
C TYR A 155 11.76 -1.67 1.00
N ALA A 156 10.58 -2.07 1.50
CA ALA A 156 9.29 -1.62 0.98
C ALA A 156 8.64 -0.58 1.88
N LYS A 157 7.91 0.35 1.27
CA LYS A 157 7.14 1.37 1.98
C LYS A 157 5.72 1.48 1.42
N ILE A 158 4.76 1.74 2.30
CA ILE A 158 3.38 1.96 1.89
C ILE A 158 3.21 3.42 1.44
N SER A 159 2.50 3.60 0.33
CA SER A 159 2.27 4.90 -0.26
C SER A 159 0.80 5.13 -0.63
N ASP A 160 0.54 6.30 -1.21
CA ASP A 160 -0.76 6.65 -1.81
C ASP A 160 -1.90 6.68 -0.81
N PHE A 161 -1.89 7.70 0.04
CA PHE A 161 -2.87 7.86 1.11
C PHE A 161 -4.06 8.74 0.71
N GLY A 162 -4.29 8.88 -0.60
CA GLY A 162 -5.36 9.72 -1.12
C GLY A 162 -6.77 9.34 -0.72
N LEU A 163 -6.98 8.07 -0.40
CA LEU A 163 -8.30 7.59 0.03
C LEU A 163 -8.35 7.30 1.53
N SER A 164 -7.24 7.57 2.22
CA SER A 164 -7.11 7.21 3.63
C SER A 164 -7.94 8.09 4.56
N LYS A 165 -8.37 7.50 5.67
CA LYS A 165 -9.22 8.20 6.64
C LYS A 165 -8.74 8.00 8.06
N ALA A 166 -8.76 9.08 8.84
CA ALA A 166 -8.54 9.01 10.27
C ALA A 166 -9.86 8.61 10.93
N LEU A 167 -9.84 7.49 11.65
CA LEU A 167 -11.06 6.98 12.27
C LEU A 167 -11.51 7.87 13.43
N ARG A 168 -12.82 8.03 13.54
CA ARG A 168 -13.42 8.77 14.66
C ARG A 168 -13.07 8.09 15.97
N ALA A 169 -12.97 8.88 17.04
CA ALA A 169 -12.62 8.35 18.36
C ALA A 169 -13.61 7.28 18.87
N ASP A 170 -14.84 7.34 18.38
CA ASP A 170 -15.92 6.47 18.86
C ASP A 170 -16.29 5.31 17.93
N GLU A 171 -15.64 5.22 16.77
CA GLU A 171 -15.93 4.16 15.80
C GLU A 171 -14.67 3.48 15.29
N ASN A 172 -14.77 2.19 14.96
CA ASN A 172 -13.65 1.45 14.41
C ASN A 172 -13.74 1.28 12.89
N TYR A 173 -14.64 2.04 12.26
CA TYR A 173 -14.80 2.02 10.81
C TYR A 173 -15.17 3.38 10.25
N TYR A 174 -14.91 3.55 8.95
CA TYR A 174 -15.33 4.72 8.18
C TYR A 174 -16.48 4.31 7.27
N LYS A 175 -17.55 5.10 7.27
CA LYS A 175 -18.71 4.87 6.42
C LYS A 175 -18.68 5.78 5.20
N ALA A 176 -18.53 5.16 4.02
CA ALA A 176 -18.50 5.91 2.77
C ALA A 176 -19.90 6.27 2.29
N LYS A 181 -14.87 6.02 -8.48
CA LYS A 181 -14.62 4.58 -8.77
C LYS A 181 -13.87 3.91 -7.63
N TRP A 182 -14.25 2.68 -7.31
CA TRP A 182 -13.58 1.89 -6.28
C TRP A 182 -12.75 0.75 -6.87
N PRO A 183 -11.59 0.44 -6.25
CA PRO A 183 -10.79 -0.73 -6.62
C PRO A 183 -11.43 -2.02 -6.07
N VAL A 184 -12.53 -2.43 -6.70
CA VAL A 184 -13.40 -3.53 -6.22
C VAL A 184 -12.65 -4.83 -5.93
N LYS A 185 -11.68 -5.16 -6.77
CA LYS A 185 -10.92 -6.41 -6.63
C LYS A 185 -10.08 -6.48 -5.36
N TRP A 186 -9.88 -5.34 -4.70
CA TRP A 186 -9.14 -5.29 -3.45
C TRP A 186 -10.04 -5.10 -2.23
N TYR A 187 -11.34 -4.94 -2.47
CA TYR A 187 -12.26 -4.59 -1.40
C TYR A 187 -12.93 -5.79 -0.72
N ALA A 188 -13.00 -5.71 0.61
CA ALA A 188 -13.67 -6.74 1.41
C ALA A 188 -15.18 -6.70 1.17
N PRO A 189 -15.88 -7.83 1.40
CA PRO A 189 -17.32 -7.87 1.15
C PRO A 189 -18.11 -6.78 1.89
N GLU A 190 -17.72 -6.45 3.12
CA GLU A 190 -18.43 -5.42 3.90
C GLU A 190 -18.27 -4.01 3.32
N CYS A 191 -17.21 -3.81 2.53
CA CYS A 191 -17.01 -2.53 1.84
C CYS A 191 -18.05 -2.40 0.74
N ILE A 192 -18.28 -3.50 0.03
CA ILE A 192 -19.24 -3.56 -1.06
C ILE A 192 -20.67 -3.55 -0.52
N ASN A 193 -20.93 -4.37 0.50
CA ASN A 193 -22.29 -4.56 1.03
C ASN A 193 -22.78 -3.47 1.98
N TYR A 194 -21.87 -2.88 2.74
CA TYR A 194 -22.25 -1.95 3.81
C TYR A 194 -21.49 -0.61 3.78
N TYR A 195 -20.57 -0.47 2.82
CA TYR A 195 -19.74 0.74 2.66
C TYR A 195 -18.88 1.03 3.91
N LYS A 196 -18.51 -0.04 4.61
CA LYS A 196 -17.76 0.09 5.86
C LYS A 196 -16.29 -0.27 5.67
N PHE A 197 -15.41 0.67 6.04
CA PHE A 197 -13.98 0.50 5.86
C PHE A 197 -13.27 0.55 7.20
N SER A 198 -12.55 -0.52 7.51
CA SER A 198 -11.85 -0.66 8.78
C SER A 198 -10.45 -1.19 8.54
N SER A 199 -9.66 -1.30 9.61
CA SER A 199 -8.36 -1.95 9.51
C SER A 199 -8.52 -3.40 9.03
N LYS A 200 -9.63 -4.04 9.42
CA LYS A 200 -9.97 -5.38 8.94
C LYS A 200 -10.19 -5.43 7.43
N SER A 201 -10.84 -4.41 6.86
CA SER A 201 -10.96 -4.36 5.40
C SER A 201 -9.61 -4.15 4.73
N ASP A 202 -8.72 -3.38 5.37
CA ASP A 202 -7.34 -3.26 4.90
C ASP A 202 -6.63 -4.62 4.91
N VAL A 203 -6.94 -5.46 5.90
CA VAL A 203 -6.39 -6.82 5.98
C VAL A 203 -6.79 -7.66 4.77
N TRP A 204 -8.07 -7.58 4.38
CA TRP A 204 -8.54 -8.23 3.16
C TRP A 204 -7.71 -7.77 1.96
N SER A 205 -7.55 -6.46 1.82
CA SER A 205 -6.76 -5.89 0.74
C SER A 205 -5.32 -6.40 0.75
N PHE A 206 -4.75 -6.49 1.96
CA PHE A 206 -3.41 -7.03 2.15
C PHE A 206 -3.28 -8.47 1.62
N GLY A 207 -4.33 -9.28 1.81
CA GLY A 207 -4.36 -10.63 1.24
C GLY A 207 -4.24 -10.63 -0.27
N VAL A 208 -4.96 -9.71 -0.92
CA VAL A 208 -4.88 -9.55 -2.37
C VAL A 208 -3.47 -9.09 -2.77
N LEU A 209 -2.93 -8.12 -2.01
CA LEU A 209 -1.55 -7.66 -2.20
C LEU A 209 -0.54 -8.81 -2.11
N MET A 210 -0.69 -9.68 -1.11
CA MET A 210 0.16 -10.87 -1.00
C MET A 210 0.07 -11.73 -2.26
N TRP A 211 -1.15 -11.98 -2.71
CA TRP A 211 -1.37 -12.76 -3.93
C TRP A 211 -0.63 -12.10 -5.11
N GLU A 212 -0.76 -10.78 -5.25
CA GLU A 212 -0.07 -10.04 -6.30
C GLU A 212 1.45 -10.22 -6.24
N ALA A 213 1.99 -10.07 -5.04
CA ALA A 213 3.43 -10.16 -4.83
C ALA A 213 3.97 -11.55 -5.20
N PHE A 214 3.31 -12.61 -4.73
CA PHE A 214 3.75 -13.96 -5.03
C PHE A 214 3.45 -14.39 -6.48
N SER A 215 2.62 -13.59 -7.16
CA SER A 215 2.34 -13.78 -8.58
C SER A 215 3.16 -12.83 -9.44
N TYR A 216 4.20 -12.25 -8.84
CA TYR A 216 5.14 -11.35 -9.53
C TYR A 216 4.46 -10.20 -10.26
N GLY A 217 3.49 -9.59 -9.58
CA GLY A 217 2.85 -8.38 -10.08
C GLY A 217 1.73 -8.58 -11.08
N GLN A 218 1.24 -9.82 -11.19
CA GLN A 218 0.07 -10.09 -12.01
C GLN A 218 -1.18 -9.50 -11.36
N LYS A 219 -2.12 -9.05 -12.19
CA LYS A 219 -3.39 -8.51 -11.71
C LYS A 219 -4.25 -9.62 -11.10
N PRO A 220 -4.94 -9.33 -9.98
CA PRO A 220 -5.80 -10.35 -9.39
C PRO A 220 -7.10 -10.51 -10.17
N TYR A 221 -7.74 -11.67 -10.03
CA TYR A 221 -9.02 -11.96 -10.68
C TYR A 221 -8.98 -11.67 -12.18
N ARG A 222 -7.94 -12.20 -12.84
CA ARG A 222 -7.71 -12.01 -14.27
C ARG A 222 -8.97 -12.28 -15.11
N GLY A 223 -9.28 -11.34 -16.00
CA GLY A 223 -10.37 -11.50 -16.96
C GLY A 223 -11.78 -11.39 -16.41
N MET A 224 -11.89 -10.99 -15.14
CA MET A 224 -13.19 -10.92 -14.48
C MET A 224 -13.65 -9.48 -14.27
N LYS A 225 -14.95 -9.27 -14.40
CA LYS A 225 -15.57 -7.98 -14.06
C LYS A 225 -15.73 -7.90 -12.54
N GLY A 226 -15.79 -6.68 -12.02
CA GLY A 226 -16.00 -6.43 -10.60
C GLY A 226 -17.18 -7.19 -10.03
N SER A 227 -18.30 -7.17 -10.77
CA SER A 227 -19.52 -7.87 -10.36
C SER A 227 -19.32 -9.39 -10.31
N GLU A 228 -18.48 -9.90 -11.20
CA GLU A 228 -18.17 -11.33 -11.23
C GLU A 228 -17.28 -11.75 -10.06
N VAL A 229 -16.40 -10.86 -9.64
CA VAL A 229 -15.55 -11.08 -8.46
C VAL A 229 -16.42 -11.14 -7.20
N THR A 230 -17.34 -10.19 -7.07
CA THR A 230 -18.27 -10.16 -5.95
C THR A 230 -19.09 -11.45 -5.89
N ALA A 231 -19.56 -11.91 -7.05
CA ALA A 231 -20.30 -13.17 -7.15
C ALA A 231 -19.44 -14.38 -6.76
N MET A 232 -18.19 -14.40 -7.21
CA MET A 232 -17.24 -15.47 -6.90
C MET A 232 -17.01 -15.59 -5.40
N LEU A 233 -16.78 -14.46 -4.74
CA LEU A 233 -16.49 -14.42 -3.31
C LEU A 233 -17.70 -14.78 -2.46
N GLU A 234 -18.89 -14.39 -2.94
CA GLU A 234 -20.14 -14.73 -2.25
C GLU A 234 -20.38 -16.23 -2.21
N LYS A 235 -19.94 -16.92 -3.27
CA LYS A 235 -19.99 -18.38 -3.36
C LYS A 235 -18.96 -19.08 -2.46
N GLY A 236 -18.09 -18.29 -1.83
CA GLY A 236 -17.05 -18.84 -0.95
C GLY A 236 -15.76 -19.20 -1.68
N GLU A 237 -15.70 -18.88 -2.97
CA GLU A 237 -14.52 -19.17 -3.78
C GLU A 237 -13.45 -18.10 -3.62
N ARG A 238 -12.19 -18.52 -3.72
CA ARG A 238 -11.04 -17.63 -3.59
C ARG A 238 -10.01 -17.96 -4.67
N MET A 239 -9.16 -16.99 -4.98
CA MET A 239 -8.08 -17.19 -5.95
C MET A 239 -7.18 -18.34 -5.49
N GLY A 240 -6.65 -19.09 -6.46
CA GLY A 240 -5.76 -20.20 -6.20
C GLY A 240 -4.37 -19.80 -5.74
N CYS A 241 -3.58 -20.78 -5.35
CA CYS A 241 -2.21 -20.56 -4.90
C CYS A 241 -1.29 -20.24 -6.08
N PRO A 242 -0.59 -19.09 -6.02
CA PRO A 242 0.36 -18.77 -7.10
C PRO A 242 1.48 -19.80 -7.21
N ALA A 243 1.94 -20.03 -8.44
CA ALA A 243 3.07 -20.93 -8.69
C ALA A 243 4.28 -20.55 -7.83
N GLY A 244 4.81 -21.54 -7.11
CA GLY A 244 5.99 -21.34 -6.27
C GLY A 244 5.75 -20.67 -4.92
N CYS A 245 4.50 -20.31 -4.64
CA CYS A 245 4.15 -19.70 -3.36
C CYS A 245 4.05 -20.76 -2.27
N PRO A 246 4.77 -20.58 -1.15
CA PRO A 246 4.71 -21.53 -0.05
C PRO A 246 3.30 -21.67 0.49
N ARG A 247 2.93 -22.88 0.88
CA ARG A 247 1.60 -23.17 1.40
C ARG A 247 1.25 -22.30 2.60
N GLU A 248 2.24 -22.05 3.46
CA GLU A 248 2.06 -21.21 4.65
C GLU A 248 1.64 -19.78 4.29
N MET A 249 2.16 -19.27 3.18
CA MET A 249 1.81 -17.93 2.71
C MET A 249 0.45 -17.89 2.04
N TYR A 250 0.10 -18.95 1.31
CA TYR A 250 -1.24 -19.06 0.73
C TYR A 250 -2.29 -19.21 1.82
N ASP A 251 -1.98 -19.97 2.87
CA ASP A 251 -2.85 -20.10 4.03
C ASP A 251 -3.14 -18.75 4.66
N LEU A 252 -2.09 -17.92 4.76
CA LEU A 252 -2.25 -16.58 5.32
C LEU A 252 -3.13 -15.68 4.45
N MET A 253 -2.95 -15.76 3.13
CA MET A 253 -3.83 -15.07 2.15
C MET A 253 -5.29 -15.39 2.42
N ASN A 254 -5.59 -16.69 2.49
CA ASN A 254 -6.95 -17.16 2.71
C ASN A 254 -7.53 -16.67 4.03
N LEU A 255 -6.68 -16.61 5.07
CA LEU A 255 -7.08 -16.10 6.37
C LEU A 255 -7.45 -14.61 6.28
N CYS A 256 -6.67 -13.86 5.50
CA CYS A 256 -6.99 -12.46 5.22
C CYS A 256 -8.32 -12.32 4.50
N TRP A 257 -8.67 -13.33 3.71
CA TRP A 257 -9.94 -13.33 2.97
C TRP A 257 -11.08 -14.02 3.72
N THR A 258 -11.06 -13.91 5.05
CA THR A 258 -12.16 -14.36 5.89
C THR A 258 -13.35 -13.43 5.69
N TYR A 259 -14.48 -14.01 5.31
CA TYR A 259 -15.69 -13.23 5.01
C TYR A 259 -16.16 -12.41 6.20
N ASP A 260 -16.25 -13.05 7.36
CA ASP A 260 -16.69 -12.40 8.61
C ASP A 260 -15.62 -11.45 9.15
N VAL A 261 -16.02 -10.19 9.36
CA VAL A 261 -15.12 -9.12 9.80
C VAL A 261 -14.49 -9.40 11.17
N GLU A 262 -15.31 -9.87 12.11
CA GLU A 262 -14.86 -10.15 13.46
C GLU A 262 -13.86 -11.30 13.52
N ASN A 263 -14.11 -12.35 12.72
CA ASN A 263 -13.25 -13.52 12.67
C ASN A 263 -11.97 -13.32 11.86
N ARG A 264 -11.98 -12.34 10.96
CA ARG A 264 -10.79 -11.97 10.17
C ARG A 264 -9.71 -11.45 11.11
N PRO A 265 -8.43 -11.84 10.88
CA PRO A 265 -7.37 -11.36 11.75
C PRO A 265 -7.07 -9.87 11.56
N GLY A 266 -6.60 -9.22 12.63
CA GLY A 266 -6.06 -7.87 12.54
C GLY A 266 -4.60 -7.92 12.12
N PHE A 267 -3.99 -6.76 11.94
CA PHE A 267 -2.61 -6.69 11.47
C PHE A 267 -1.56 -7.15 12.49
N ALA A 268 -1.88 -7.08 13.77
CA ALA A 268 -1.01 -7.64 14.80
C ALA A 268 -0.80 -9.14 14.56
N ALA A 269 -1.89 -9.87 14.36
CA ALA A 269 -1.84 -11.30 14.09
C ALA A 269 -1.17 -11.63 12.75
N VAL A 270 -1.48 -10.82 11.72
CA VAL A 270 -0.92 -11.02 10.39
C VAL A 270 0.59 -10.79 10.37
N GLU A 271 1.03 -9.69 10.99
CA GLU A 271 2.45 -9.38 11.09
C GLU A 271 3.23 -10.48 11.82
N LEU A 272 2.67 -10.99 12.92
CA LEU A 272 3.31 -12.04 13.71
C LEU A 272 3.52 -13.33 12.90
N ARG A 273 2.50 -13.73 12.13
CA ARG A 273 2.58 -14.90 11.27
C ARG A 273 3.69 -14.76 10.22
N LEU A 274 3.73 -13.59 9.58
CA LEU A 274 4.76 -13.29 8.57
C LEU A 274 6.16 -13.22 9.18
N ARG A 275 6.26 -12.61 10.35
CA ARG A 275 7.52 -12.50 11.08
C ARG A 275 8.10 -13.87 11.36
N ASN A 276 7.27 -14.74 11.94
CA ASN A 276 7.68 -16.08 12.31
C ASN A 276 8.04 -16.95 11.10
N TYR A 277 7.26 -16.84 10.03
CA TYR A 277 7.58 -17.61 8.83
C TYR A 277 8.85 -17.10 8.14
N TYR A 278 9.04 -15.78 8.15
CA TYR A 278 10.26 -15.21 7.59
C TYR A 278 11.51 -15.75 8.31
N TYR A 279 11.45 -15.80 9.64
CA TYR A 279 12.54 -16.37 10.44
C TYR A 279 12.78 -17.85 10.14
N ASP A 280 11.70 -18.59 9.89
CA ASP A 280 11.80 -20.00 9.51
C ASP A 280 12.57 -20.15 8.20
N VAL A 281 12.26 -19.30 7.22
CA VAL A 281 12.90 -19.33 5.91
C VAL A 281 14.37 -18.87 5.98
N VAL A 282 14.64 -17.88 6.82
CA VAL A 282 16.02 -17.44 7.08
C VAL A 282 16.82 -18.60 7.70
N ASN A 283 16.21 -19.30 8.65
CA ASN A 283 16.82 -20.48 9.28
C ASN A 283 17.13 -21.60 8.28
N GLU A 284 16.18 -21.88 7.37
CA GLU A 284 16.37 -22.92 6.35
C GLU A 284 17.52 -22.55 5.41
N GLY A 285 17.64 -21.26 5.09
CA GLY A 285 18.72 -20.75 4.24
C GLY A 285 20.10 -20.95 4.84
N HIS A 286 20.19 -20.83 6.16
CA HIS A 286 21.45 -21.06 6.89
C HIS A 286 21.82 -22.54 6.97
N HIS A 287 20.82 -23.41 6.93
CA HIS A 287 21.05 -24.86 6.94
C HIS A 287 21.43 -25.38 5.56
C1 0VF B . 5.14 7.50 -7.00
N2 0VF B . 6.30 7.04 -7.48
N3 0VF B . 5.04 7.99 -5.77
C4 0VF B . 7.40 7.03 -6.76
C5 0VF B . 6.09 8.03 -5.00
C6 0VF B . 7.35 7.55 -5.42
N7 0VF B . 4.01 7.50 -7.79
N8 0VF B . 8.33 7.64 -4.50
S9 0VF B . 6.36 8.57 -3.34
C10 0VF B . 2.06 4.85 -10.83
N11 0VF B . 8.61 6.55 -7.25
C12 0VF B . 8.10 8.15 -3.31
N13 0VF B . 1.83 5.59 -9.72
C14 0VF B . -0.93 0.00 -11.52
C15 0VF B . 7.89 5.47 -9.38
C16 0VF B . 8.24 4.77 -10.54
C17 0VF B . 3.95 6.62 -8.94
C18 0VF B . 1.31 3.59 -11.01
C19 0VF B . 8.87 5.85 -8.45
C20 0VF B . -0.15 1.24 -11.34
C21 0VF B . 2.68 7.62 -7.17
C22 0VF B . 2.52 6.85 -9.49
C23 0VF B . 9.58 4.43 -10.77
O24 0VF B . 2.84 5.22 -11.68
O25 0VF B . -2.14 0.01 -11.42
C26 0VF B . 1.76 7.67 -8.40
C27 0VF B . 1.97 2.39 -11.28
C28 0VF B . -0.09 3.61 -10.90
C29 0VF B . -0.81 2.45 -11.06
C30 0VF B . 1.25 1.22 -11.45
C31 0VF B . 10.56 4.81 -9.85
O32 0VF B . -0.29 -1.15 -11.81
C33 0VF B . 10.20 5.50 -8.71
O34 0VF B . 7.33 4.37 -11.48
O35 0VF B . 9.90 3.75 -11.92
C36 0VF B . 6.16 5.20 -11.45
C37 0VF B . 10.79 2.66 -11.63
#